data_1E2L
#
_entry.id   1E2L
#
_cell.length_a   114.000
_cell.length_b   118.300
_cell.length_c   108.600
_cell.angle_alpha   90.00
_cell.angle_beta   90.00
_cell.angle_gamma   90.00
#
_symmetry.space_group_name_H-M   'C 2 2 21'
#
loop_
_entity.id
_entity.type
_entity.pdbx_description
1 polymer 'THYMIDINE KINASE'
2 non-polymer 'SULFATE ION'
3 non-polymer 1-[4-HYDROXY-5-(HYDROXYMETHYL)BICYCLO[3.1.0]HEX-2-YL]-5-METHYLPYRIMIDINE-2,4(1H,3H)-DIONE
4 water water
#
_entity_poly.entity_id   1
_entity_poly.type   'polypeptide(L)'
_entity_poly.pdbx_seq_one_letter_code
;MPTLLRVYIDGPHGMGKTTTTQLLVALGSRDDIVYVPEPMTYWRVLGASETIANIFTTQHRLDQGEISAGDAAVVMTSAQ
ITMGMPYAVTDAVLAPHIGGEAGSSHAPPPALTLIFDRHPIAALLCYPAARYLMGSMTPQAVLAFVALIPPTLPGTNIVL
GALPEDRHIDRLAKRQRPGERLDLAMLAAIRRVYGLLANTVRYLQCGGSWREDWGQLSGTAVPPQGAEPQSNAGPRPHIG
DTLFTLFRAPELLAPNGDLYNVFAWALDVLAKRLRSMHVFILDYDQSPAGCRDALLQLTSGMVQTHVTTPGSIPTICDLA
RTFAREMGEAN
;
_entity_poly.pdbx_strand_id   A,B
#
loop_
_chem_comp.id
_chem_comp.type
_chem_comp.name
_chem_comp.formula
SO4 non-polymer 'SULFATE ION' 'O4 S -2'
TMC non-polymer 1-[4-HYDROXY-5-(HYDROXYMETHYL)BICYCLO[3.1.0]HEX-2-YL]-5-METHYLPYRIMIDINE-2,4(1H,3H)-DIONE 'C12 H16 N2 O4'
#
# COMPACT_ATOMS: atom_id res chain seq x y z
N MET A 1 3.19 5.49 31.21
CA MET A 1 3.88 5.42 29.85
C MET A 1 3.93 6.82 29.26
N PRO A 2 5.04 7.25 28.69
CA PRO A 2 5.13 8.58 28.14
C PRO A 2 4.07 8.94 27.10
N THR A 3 3.93 10.25 26.89
CA THR A 3 3.04 10.81 25.91
C THR A 3 3.87 11.33 24.72
N LEU A 4 3.26 11.28 23.54
CA LEU A 4 3.80 11.69 22.28
C LEU A 4 2.85 12.64 21.52
N LEU A 5 3.43 13.58 20.79
CA LEU A 5 2.70 14.51 19.97
C LEU A 5 3.14 14.33 18.50
N ARG A 6 2.28 13.81 17.63
CA ARG A 6 2.69 13.68 16.24
C ARG A 6 2.08 14.84 15.45
N VAL A 7 2.94 15.55 14.71
CA VAL A 7 2.44 16.69 13.97
C VAL A 7 3.00 16.53 12.54
N TYR A 8 2.13 16.40 11.56
CA TYR A 8 2.52 16.25 10.17
C TYR A 8 2.27 17.57 9.44
N ILE A 9 3.35 18.16 8.95
CA ILE A 9 3.25 19.43 8.21
C ILE A 9 3.01 19.06 6.76
N ASP A 10 1.88 19.49 6.22
CA ASP A 10 1.58 19.07 4.83
C ASP A 10 0.89 20.15 4.05
N GLY A 11 0.11 19.84 3.06
CA GLY A 11 -0.55 20.88 2.26
C GLY A 11 0.28 21.07 1.00
N PRO A 12 -0.10 22.04 0.19
CA PRO A 12 0.65 22.28 -1.04
C PRO A 12 2.04 22.76 -0.71
N HIS A 13 2.99 22.44 -1.59
CA HIS A 13 4.37 22.87 -1.38
C HIS A 13 4.55 24.28 -1.95
N GLY A 14 5.58 24.98 -1.54
CA GLY A 14 5.88 26.32 -2.02
C GLY A 14 5.34 27.39 -1.09
N MET A 15 4.65 27.03 -0.01
CA MET A 15 4.09 28.04 0.89
C MET A 15 5.06 28.39 2.01
N GLY A 16 6.01 27.50 2.29
CA GLY A 16 6.98 27.66 3.32
C GLY A 16 7.16 26.54 4.33
N LYS A 17 6.43 25.45 4.25
CA LYS A 17 6.49 24.31 5.16
C LYS A 17 7.91 23.99 5.62
N THR A 18 8.85 24.03 4.69
CA THR A 18 10.26 23.78 4.94
C THR A 18 10.88 24.85 5.80
N THR A 19 10.64 26.13 5.56
CA THR A 19 11.17 27.24 6.32
C THR A 19 10.52 27.37 7.71
N THR A 20 9.28 26.90 7.79
CA THR A 20 8.44 26.88 8.96
C THR A 20 8.90 25.84 9.97
N THR A 21 9.27 24.66 9.49
CA THR A 21 9.74 23.56 10.32
C THR A 21 11.21 23.74 10.70
N GLN A 22 11.97 24.30 9.76
CA GLN A 22 13.39 24.52 9.99
C GLN A 22 13.59 25.39 11.23
N LEU A 23 12.93 26.55 11.26
CA LEU A 23 13.04 27.46 12.38
C LEU A 23 12.58 26.83 13.69
N LEU A 24 11.59 25.94 13.63
CA LEU A 24 11.06 25.27 14.81
C LEU A 24 11.86 24.04 15.19
N ASP A 32 13.66 17.59 23.06
CA ASP A 32 12.30 17.10 23.24
C ASP A 32 11.34 17.33 22.07
N ILE A 33 11.82 17.63 20.89
CA ILE A 33 11.07 17.84 19.68
C ILE A 33 11.97 17.44 18.51
N VAL A 34 11.64 16.38 17.77
CA VAL A 34 12.47 15.92 16.66
C VAL A 34 11.77 16.10 15.32
N TYR A 35 12.57 16.16 14.28
CA TYR A 35 12.14 16.36 12.92
C TYR A 35 12.48 15.20 11.99
N VAL A 36 11.49 14.86 11.16
CA VAL A 36 11.58 13.85 10.10
C VAL A 36 11.41 14.71 8.84
N PRO A 37 12.52 15.07 8.20
CA PRO A 37 12.51 15.93 7.05
C PRO A 37 12.14 15.31 5.73
N GLU A 38 12.15 16.16 4.70
CA GLU A 38 11.88 15.77 3.33
C GLU A 38 12.94 14.77 2.92
N PRO A 39 12.54 13.61 2.42
CA PRO A 39 13.48 12.58 2.00
C PRO A 39 14.08 12.83 0.62
N MET A 40 14.61 14.03 0.38
CA MET A 40 15.15 14.39 -0.91
C MET A 40 16.13 13.40 -1.50
N THR A 41 17.08 12.88 -0.73
CA THR A 41 18.09 11.93 -1.19
C THR A 41 17.51 10.60 -1.65
N TYR A 42 16.37 10.22 -1.08
CA TYR A 42 15.69 8.98 -1.49
C TYR A 42 15.15 9.27 -2.89
N TRP A 43 14.50 10.42 -3.06
CA TRP A 43 13.92 10.85 -4.32
C TRP A 43 14.92 11.02 -5.46
N ARG A 44 16.07 11.61 -5.15
CA ARG A 44 17.07 11.84 -6.18
C ARG A 44 18.06 10.71 -6.34
N VAL A 45 18.30 9.90 -5.29
CA VAL A 45 19.30 8.86 -5.42
C VAL A 45 18.92 7.48 -4.92
N LEU A 46 18.62 7.28 -3.64
CA LEU A 46 18.34 5.97 -3.10
C LEU A 46 17.26 5.17 -3.77
N GLY A 47 16.08 5.74 -4.00
CA GLY A 47 14.96 5.09 -4.60
C GLY A 47 15.01 4.94 -6.10
N ALA A 48 15.49 5.98 -6.76
CA ALA A 48 15.61 5.99 -8.22
C ALA A 48 16.45 7.22 -8.55
N SER A 49 16.75 7.47 -9.80
CA SER A 49 17.55 8.63 -10.17
C SER A 49 16.68 9.83 -10.49
N GLU A 50 16.88 10.92 -9.75
CA GLU A 50 16.18 12.17 -9.97
C GLU A 50 14.72 11.91 -10.29
N THR A 51 13.96 11.51 -9.26
CA THR A 51 12.55 11.22 -9.48
C THR A 51 11.76 12.49 -9.76
N ILE A 52 12.07 13.59 -9.11
CA ILE A 52 11.31 14.82 -9.35
C ILE A 52 11.44 15.29 -10.79
N ALA A 53 12.62 15.15 -11.38
CA ALA A 53 12.85 15.54 -12.76
C ALA A 53 12.01 14.69 -13.69
N ASN A 54 11.94 13.38 -13.46
CA ASN A 54 11.13 12.52 -14.32
C ASN A 54 9.66 12.99 -14.27
N ILE A 55 9.17 13.28 -13.07
CA ILE A 55 7.79 13.72 -12.90
C ILE A 55 7.48 14.96 -13.73
N PHE A 56 8.19 16.06 -13.46
CA PHE A 56 7.92 17.30 -14.21
C PHE A 56 8.27 17.12 -15.66
N THR A 57 9.36 16.44 -15.98
CA THR A 57 9.65 16.21 -17.41
C THR A 57 8.47 15.52 -18.08
N THR A 58 7.95 14.44 -17.52
CA THR A 58 6.80 13.74 -18.06
C THR A 58 5.54 14.60 -18.12
N GLN A 59 5.24 15.43 -17.10
CA GLN A 59 4.03 16.25 -17.24
C GLN A 59 4.20 17.16 -18.46
N HIS A 60 5.32 17.87 -18.45
CA HIS A 60 5.68 18.78 -19.52
C HIS A 60 5.54 18.18 -20.91
N ARG A 61 5.99 16.95 -21.15
CA ARG A 61 5.93 16.27 -22.41
C ARG A 61 4.51 15.84 -22.81
N LEU A 62 3.67 15.63 -21.79
CA LEU A 62 2.30 15.25 -22.04
C LEU A 62 1.60 16.50 -22.57
N ASP A 63 1.88 17.63 -21.93
CA ASP A 63 1.31 18.90 -22.34
C ASP A 63 1.67 19.22 -23.80
N GLN A 64 2.91 18.99 -24.20
CA GLN A 64 3.46 19.23 -25.51
C GLN A 64 2.99 18.23 -26.55
N GLY A 65 2.42 17.12 -26.11
CA GLY A 65 1.90 16.11 -27.02
C GLY A 65 2.97 15.17 -27.51
N GLU A 66 4.07 15.08 -26.77
CA GLU A 66 5.15 14.18 -27.18
C GLU A 66 4.88 12.75 -26.74
N ILE A 67 4.02 12.51 -25.75
CA ILE A 67 3.75 11.13 -25.31
C ILE A 67 2.26 11.04 -25.02
N SER A 68 1.71 9.85 -24.81
CA SER A 68 0.28 9.76 -24.56
C SER A 68 -0.09 9.83 -23.10
N ALA A 69 -1.41 9.93 -22.87
CA ALA A 69 -2.00 9.96 -21.56
C ALA A 69 -1.62 8.66 -20.82
N GLY A 70 -1.70 7.54 -21.49
CA GLY A 70 -1.36 6.21 -20.96
C GLY A 70 0.14 6.17 -20.61
N ASP A 71 1.01 6.75 -21.43
CA ASP A 71 2.42 6.81 -21.23
C ASP A 71 2.78 7.58 -19.96
N ALA A 72 2.12 8.70 -19.73
CA ALA A 72 2.36 9.55 -18.59
C ALA A 72 1.86 8.90 -17.29
N ALA A 73 0.65 8.35 -17.33
CA ALA A 73 0.05 7.68 -16.20
C ALA A 73 0.91 6.57 -15.60
N VAL A 74 1.57 5.78 -16.42
CA VAL A 74 2.45 4.69 -16.00
C VAL A 74 3.69 5.25 -15.32
N VAL A 75 4.28 6.29 -15.91
CA VAL A 75 5.45 6.92 -15.34
C VAL A 75 5.06 7.61 -14.04
N MET A 76 3.88 8.23 -14.07
CA MET A 76 3.43 8.96 -12.89
C MET A 76 3.15 8.07 -11.69
N THR A 77 2.64 6.87 -11.92
CA THR A 77 2.27 5.95 -10.85
C THR A 77 3.50 5.32 -10.22
N SER A 78 4.35 4.82 -11.10
CA SER A 78 5.64 4.23 -10.72
C SER A 78 6.39 5.28 -9.91
N ALA A 79 6.41 6.50 -10.47
CA ALA A 79 7.08 7.59 -9.78
C ALA A 79 6.47 7.93 -8.45
N GLN A 80 5.15 7.89 -8.27
CA GLN A 80 4.57 8.22 -6.97
C GLN A 80 4.81 7.15 -5.93
N ILE A 81 5.13 5.93 -6.39
CA ILE A 81 5.44 4.83 -5.48
C ILE A 81 6.79 5.17 -4.79
N THR A 82 7.73 5.55 -5.65
CA THR A 82 9.06 5.95 -5.17
C THR A 82 8.94 7.17 -4.32
N MET A 83 8.09 8.16 -4.62
CA MET A 83 7.96 9.31 -3.72
C MET A 83 7.42 8.99 -2.34
N GLY A 84 6.42 8.13 -2.17
CA GLY A 84 5.84 7.92 -0.85
C GLY A 84 6.51 6.88 0.00
N MET A 85 7.41 6.12 -0.54
CA MET A 85 8.18 5.07 0.11
C MET A 85 8.66 5.38 1.51
N PRO A 86 9.44 6.43 1.70
CA PRO A 86 9.93 6.85 3.01
C PRO A 86 8.82 7.12 3.98
N TYR A 87 7.70 7.69 3.50
CA TYR A 87 6.58 7.97 4.37
C TYR A 87 5.91 6.67 4.86
N ALA A 88 5.66 5.80 3.90
CA ALA A 88 5.00 4.52 4.17
C ALA A 88 5.84 3.68 5.12
N VAL A 89 7.14 3.53 4.76
CA VAL A 89 8.01 2.75 5.66
C VAL A 89 8.11 3.39 7.02
N THR A 90 8.18 4.73 7.12
CA THR A 90 8.23 5.38 8.43
C THR A 90 6.96 5.08 9.18
N ASP A 91 5.80 5.25 8.49
CA ASP A 91 4.56 4.95 9.22
C ASP A 91 4.45 3.52 9.75
N ALA A 92 4.87 2.55 8.94
CA ALA A 92 4.75 1.14 9.33
C ALA A 92 5.65 0.74 10.46
N VAL A 93 6.87 1.31 10.56
CA VAL A 93 7.71 0.92 11.72
C VAL A 93 7.33 1.71 12.95
N LEU A 94 6.73 2.88 12.78
CA LEU A 94 6.32 3.72 13.89
C LEU A 94 4.98 3.29 14.48
N ALA A 95 4.06 2.75 13.67
CA ALA A 95 2.73 2.40 14.16
C ALA A 95 2.64 1.59 15.41
N PRO A 96 3.39 0.52 15.64
CA PRO A 96 3.31 -0.27 16.85
C PRO A 96 3.69 0.50 18.09
N HIS A 97 4.43 1.61 17.99
CA HIS A 97 4.79 2.38 19.17
C HIS A 97 3.70 3.34 19.61
N ILE A 98 2.68 3.59 18.78
CA ILE A 98 1.62 4.53 19.09
C ILE A 98 0.51 3.88 19.89
N GLY A 99 0.18 4.39 21.06
CA GLY A 99 -0.91 3.76 21.85
C GLY A 99 -2.18 4.61 21.70
N GLY A 100 -3.05 4.59 22.70
CA GLY A 100 -4.28 5.39 22.61
C GLY A 100 -4.08 6.84 23.00
N GLU A 101 -5.17 7.63 22.93
CA GLU A 101 -5.12 9.03 23.20
C GLU A 101 -4.82 9.41 24.63
N ALA A 102 -4.35 10.65 24.76
CA ALA A 102 -4.11 11.17 26.13
C ALA A 102 -5.43 11.85 26.54
N GLY A 103 -5.78 12.81 25.69
CA GLY A 103 -6.97 13.63 25.82
C GLY A 103 -6.68 15.06 25.34
N SER A 104 -7.37 16.02 25.93
CA SER A 104 -7.24 17.43 25.61
C SER A 104 -5.90 17.78 24.96
N PRO A 108 -2.11 18.44 28.58
CA PRO A 108 -1.10 18.68 29.65
C PRO A 108 0.29 18.59 29.10
N PRO A 109 1.24 17.69 29.33
CA PRO A 109 2.57 17.66 28.76
C PRO A 109 3.04 16.53 27.86
N PRO A 110 3.63 16.88 26.72
CA PRO A 110 4.16 15.91 25.76
C PRO A 110 5.64 15.67 25.99
N ALA A 111 5.98 14.46 26.43
CA ALA A 111 7.35 14.06 26.64
C ALA A 111 8.19 14.17 25.37
N LEU A 112 7.59 13.99 24.22
CA LEU A 112 8.24 14.06 22.94
C LEU A 112 7.27 14.60 21.88
N THR A 113 7.80 15.38 20.97
CA THR A 113 7.06 16.00 19.88
C THR A 113 7.74 15.66 18.56
N LEU A 114 7.10 14.79 17.80
CA LEU A 114 7.65 14.34 16.50
C LEU A 114 6.98 15.14 15.39
N ILE A 115 7.73 15.95 14.66
CA ILE A 115 7.23 16.78 13.60
C ILE A 115 7.72 16.28 12.25
N PHE A 116 6.79 15.91 11.35
CA PHE A 116 7.22 15.38 10.07
C PHE A 116 6.97 16.36 8.93
N ASP A 117 7.81 16.13 7.93
CA ASP A 117 7.65 16.88 6.70
C ASP A 117 6.75 15.95 5.84
N ARG A 118 5.45 16.21 5.87
CA ARG A 118 4.44 15.49 5.14
C ARG A 118 4.00 14.18 5.82
N HIS A 119 2.86 13.70 5.41
CA HIS A 119 2.25 12.44 5.89
C HIS A 119 2.05 11.55 4.69
N PRO A 120 1.91 10.25 4.82
CA PRO A 120 1.68 9.37 3.69
C PRO A 120 0.56 9.76 2.74
N ILE A 121 -0.51 10.43 3.14
CA ILE A 121 -1.58 10.80 2.22
C ILE A 121 -1.15 11.83 1.18
N ALA A 122 0.01 12.46 1.33
CA ALA A 122 0.46 13.42 0.32
C ALA A 122 0.89 12.61 -0.92
N ALA A 123 1.58 11.50 -0.67
CA ALA A 123 2.03 10.67 -1.77
C ALA A 123 1.02 9.65 -2.24
N LEU A 124 0.11 9.27 -1.35
CA LEU A 124 -0.88 8.28 -1.73
C LEU A 124 -2.18 8.85 -2.25
N LEU A 125 -2.55 10.04 -1.77
CA LEU A 125 -3.77 10.67 -2.20
C LEU A 125 -3.65 11.98 -2.95
N CYS A 126 -3.10 13.01 -2.32
CA CYS A 126 -3.03 14.34 -2.88
C CYS A 126 -2.24 14.50 -4.15
N TYR A 127 -0.97 14.10 -4.23
CA TYR A 127 -0.23 14.22 -5.49
C TYR A 127 -0.90 13.46 -6.60
N PRO A 128 -1.22 12.19 -6.41
CA PRO A 128 -1.92 11.42 -7.42
C PRO A 128 -3.24 12.04 -7.81
N ALA A 129 -4.04 12.56 -6.86
CA ALA A 129 -5.31 13.17 -7.28
C ALA A 129 -5.02 14.39 -8.16
N ALA A 130 -3.95 15.14 -7.89
CA ALA A 130 -3.61 16.32 -8.66
C ALA A 130 -3.12 15.91 -10.04
N ARG A 131 -2.36 14.81 -10.04
CA ARG A 131 -1.86 14.31 -11.34
C ARG A 131 -3.04 13.86 -12.18
N TYR A 132 -4.10 13.36 -11.52
CA TYR A 132 -5.31 12.92 -12.16
C TYR A 132 -5.94 14.16 -12.81
N LEU A 133 -6.04 15.26 -12.06
CA LEU A 133 -6.56 16.52 -12.55
C LEU A 133 -5.72 17.14 -13.66
N MET A 134 -4.49 16.69 -13.85
CA MET A 134 -3.60 17.16 -14.90
C MET A 134 -3.61 16.21 -16.08
N GLY A 135 -4.37 15.12 -15.99
CA GLY A 135 -4.42 14.16 -17.09
C GLY A 135 -3.23 13.21 -17.12
N SER A 136 -2.37 13.25 -16.11
CA SER A 136 -1.21 12.37 -16.05
C SER A 136 -1.43 11.16 -15.16
N MET A 137 -2.62 10.87 -14.65
CA MET A 137 -2.80 9.63 -13.85
C MET A 137 -4.25 9.14 -13.92
N THR A 138 -4.49 7.85 -14.12
CA THR A 138 -5.87 7.36 -14.15
C THR A 138 -6.51 7.38 -12.77
N PRO A 139 -7.82 7.59 -12.68
CA PRO A 139 -8.52 7.61 -11.41
C PRO A 139 -8.53 6.26 -10.71
N GLN A 140 -8.39 5.16 -11.43
CA GLN A 140 -8.31 3.83 -10.87
C GLN A 140 -6.95 3.70 -10.12
N ALA A 141 -5.88 4.26 -10.65
CA ALA A 141 -4.57 4.26 -10.00
C ALA A 141 -4.69 5.05 -8.71
N VAL A 142 -5.32 6.22 -8.69
CA VAL A 142 -5.48 6.97 -7.42
C VAL A 142 -6.27 6.18 -6.38
N LEU A 143 -7.27 5.39 -6.76
CA LEU A 143 -8.03 4.65 -5.73
C LEU A 143 -7.27 3.45 -5.21
N ALA A 144 -6.34 2.92 -6.00
CA ALA A 144 -5.49 1.81 -5.59
C ALA A 144 -4.55 2.33 -4.49
N PHE A 145 -4.06 3.56 -4.69
CA PHE A 145 -3.20 4.17 -3.69
C PHE A 145 -4.03 4.49 -2.46
N VAL A 146 -5.27 4.96 -2.64
CA VAL A 146 -6.11 5.26 -1.47
C VAL A 146 -6.37 3.97 -0.71
N ALA A 147 -6.56 2.88 -1.41
CA ALA A 147 -6.81 1.57 -0.84
C ALA A 147 -5.64 1.14 0.05
N LEU A 148 -4.41 1.57 -0.22
CA LEU A 148 -3.25 1.28 0.59
C LEU A 148 -2.89 2.32 1.64
N ILE A 149 -3.74 3.31 1.96
CA ILE A 149 -3.44 4.31 2.98
C ILE A 149 -3.44 3.60 4.33
N PRO A 150 -2.32 3.60 5.04
CA PRO A 150 -2.24 2.93 6.34
C PRO A 150 -3.36 3.46 7.21
N PRO A 151 -3.86 2.66 8.13
CA PRO A 151 -4.92 3.04 9.02
C PRO A 151 -4.58 4.30 9.81
N THR A 152 -5.57 5.12 10.10
CA THR A 152 -5.37 6.36 10.87
C THR A 152 -5.36 6.06 12.37
N LEU A 153 -4.22 6.25 12.99
CA LEU A 153 -4.03 6.05 14.40
C LEU A 153 -4.43 7.30 15.18
N PRO A 154 -4.64 7.09 16.47
CA PRO A 154 -5.01 8.18 17.37
C PRO A 154 -3.93 9.22 17.28
N GLY A 155 -4.30 10.51 17.41
CA GLY A 155 -3.29 11.55 17.36
C GLY A 155 -2.67 11.82 16.03
N THR A 156 -3.43 11.68 14.96
CA THR A 156 -2.94 11.99 13.61
C THR A 156 -3.34 13.46 13.37
N ASN A 157 -2.42 14.37 13.68
CA ASN A 157 -2.61 15.82 13.53
C ASN A 157 -1.91 16.30 12.29
N ILE A 158 -2.64 16.86 11.34
CA ILE A 158 -2.09 17.31 10.06
C ILE A 158 -2.30 18.79 9.81
N VAL A 159 -1.18 19.56 9.74
CA VAL A 159 -1.29 21.00 9.48
C VAL A 159 -1.26 21.27 7.97
N LEU A 160 -2.32 21.91 7.47
CA LEU A 160 -2.38 22.24 6.05
C LEU A 160 -2.22 23.76 5.96
N GLY A 161 -1.82 24.31 4.81
CA GLY A 161 -1.62 25.73 4.76
C GLY A 161 -2.54 26.61 3.98
N ALA A 162 -2.63 27.88 4.43
CA ALA A 162 -3.45 28.88 3.75
C ALA A 162 -2.51 29.93 3.13
N LEU A 163 -2.79 30.29 1.88
CA LEU A 163 -2.02 31.28 1.17
C LEU A 163 -2.68 31.67 -0.13
N PRO A 164 -2.87 32.97 -0.33
CA PRO A 164 -3.45 33.51 -1.57
C PRO A 164 -2.61 33.05 -2.74
N GLU A 165 -3.21 32.71 -3.87
CA GLU A 165 -2.43 32.19 -4.98
C GLU A 165 -1.25 32.99 -5.44
N ASP A 166 -1.40 34.29 -5.65
CA ASP A 166 -0.32 35.15 -6.14
C ASP A 166 0.90 35.10 -5.26
N ARG A 167 0.74 35.20 -3.94
CA ARG A 167 1.86 35.07 -3.00
C ARG A 167 2.53 33.68 -3.14
N HIS A 168 1.67 32.68 -3.23
CA HIS A 168 2.08 31.29 -3.36
C HIS A 168 2.94 31.08 -4.62
N ILE A 169 2.52 31.65 -5.74
CA ILE A 169 3.29 31.54 -6.99
C ILE A 169 4.68 32.20 -6.80
N ASP A 170 4.70 33.35 -6.15
CA ASP A 170 5.90 34.09 -5.87
C ASP A 170 6.86 33.27 -5.00
N ARG A 171 6.33 32.79 -3.88
CA ARG A 171 7.11 31.97 -2.96
C ARG A 171 7.52 30.66 -3.60
N LEU A 172 6.73 30.12 -4.50
CA LEU A 172 7.04 28.88 -5.19
C LEU A 172 8.15 29.07 -6.21
N ALA A 173 8.05 30.16 -6.97
CA ALA A 173 9.00 30.51 -8.02
C ALA A 173 10.41 30.59 -7.45
N LYS A 174 10.60 31.24 -6.32
CA LYS A 174 11.94 31.33 -5.75
C LYS A 174 12.45 30.04 -5.14
N ARG A 175 11.69 29.01 -4.87
CA ARG A 175 12.24 27.77 -4.30
C ARG A 175 11.86 26.53 -5.11
N GLN A 176 12.42 26.44 -6.31
CA GLN A 176 12.19 25.34 -7.24
C GLN A 176 13.11 24.16 -6.99
N ARG A 177 12.56 23.02 -6.59
CA ARG A 177 13.42 21.86 -6.32
C ARG A 177 14.14 21.31 -7.52
N PRO A 178 15.20 20.54 -7.27
CA PRO A 178 16.03 19.95 -8.32
C PRO A 178 15.26 19.06 -9.26
N GLY A 179 15.13 19.50 -10.51
CA GLY A 179 14.42 18.79 -11.56
C GLY A 179 12.99 19.32 -11.72
N GLU A 180 12.59 20.21 -10.84
CA GLU A 180 11.27 20.79 -10.86
C GLU A 180 11.09 21.84 -11.96
N ARG A 181 9.86 22.03 -12.42
CA ARG A 181 9.46 23.01 -13.42
C ARG A 181 8.30 23.83 -12.83
N LEU A 182 8.30 25.14 -13.00
CA LEU A 182 7.25 25.98 -12.45
C LEU A 182 5.96 25.85 -13.27
N ASP A 183 5.10 24.91 -12.87
CA ASP A 183 3.83 24.64 -13.54
C ASP A 183 2.67 25.18 -12.73
N LEU A 184 2.01 26.19 -13.24
CA LEU A 184 0.91 26.86 -12.61
C LEU A 184 -0.37 26.05 -12.68
N ALA A 185 -0.47 25.20 -13.71
CA ALA A 185 -1.69 24.34 -13.79
C ALA A 185 -1.61 23.32 -12.64
N MET A 186 -0.37 22.83 -12.41
CA MET A 186 -0.12 21.86 -11.33
C MET A 186 -0.30 22.54 -10.00
N LEU A 187 0.03 23.83 -9.90
CA LEU A 187 -0.12 24.48 -8.60
C LEU A 187 -1.59 24.65 -8.22
N ALA A 188 -2.38 24.89 -9.27
CA ALA A 188 -3.82 25.09 -9.11
C ALA A 188 -4.45 23.76 -8.68
N ALA A 189 -4.11 22.68 -9.37
CA ALA A 189 -4.52 21.33 -9.09
C ALA A 189 -4.23 20.95 -7.65
N ILE A 190 -2.95 21.10 -7.28
CA ILE A 190 -2.58 20.75 -5.91
C ILE A 190 -3.27 21.63 -4.91
N ARG A 191 -3.43 22.92 -5.12
CA ARG A 191 -4.15 23.77 -4.14
C ARG A 191 -5.61 23.35 -4.03
N ARG A 192 -6.20 23.00 -5.19
CA ARG A 192 -7.59 22.54 -5.18
C ARG A 192 -7.74 21.21 -4.47
N VAL A 193 -6.86 20.23 -4.66
CA VAL A 193 -6.99 18.96 -3.90
C VAL A 193 -6.94 19.19 -2.40
N TYR A 194 -5.93 19.93 -1.95
CA TYR A 194 -5.82 20.24 -0.52
C TYR A 194 -7.03 20.96 0.00
N GLY A 195 -7.62 21.89 -0.75
CA GLY A 195 -8.84 22.58 -0.26
C GLY A 195 -9.94 21.52 -0.13
N LEU A 196 -10.09 20.70 -1.17
CA LEU A 196 -11.08 19.61 -1.12
C LEU A 196 -10.80 18.72 0.07
N LEU A 197 -9.53 18.42 0.35
CA LEU A 197 -9.15 17.56 1.48
C LEU A 197 -9.65 18.10 2.81
N ALA A 198 -9.32 19.35 3.10
CA ALA A 198 -9.78 20.00 4.32
C ALA A 198 -11.31 19.95 4.42
N ASN A 199 -12.02 20.23 3.28
CA ASN A 199 -13.49 20.19 3.36
C ASN A 199 -13.98 18.78 3.61
N THR A 200 -13.29 17.80 3.01
CA THR A 200 -13.69 16.41 3.16
C THR A 200 -13.63 15.96 4.61
N VAL A 201 -12.55 16.27 5.34
CA VAL A 201 -12.49 15.86 6.75
C VAL A 201 -13.67 16.43 7.51
N ARG A 202 -13.91 17.72 7.30
CA ARG A 202 -15.02 18.44 7.92
C ARG A 202 -16.35 17.79 7.56
N TYR A 203 -16.61 17.53 6.28
CA TYR A 203 -17.84 16.87 5.84
C TYR A 203 -18.06 15.56 6.59
N LEU A 204 -17.06 14.72 6.63
CA LEU A 204 -17.09 13.45 7.33
C LEU A 204 -17.23 13.60 8.83
N GLN A 205 -16.53 14.52 9.49
CA GLN A 205 -16.65 14.71 10.93
C GLN A 205 -18.05 15.16 11.33
N CYS A 206 -18.70 15.86 10.40
CA CYS A 206 -20.01 16.40 10.53
C CYS A 206 -21.15 15.49 10.16
N GLY A 207 -20.90 14.24 9.80
CA GLY A 207 -21.98 13.34 9.44
C GLY A 207 -22.14 12.94 8.02
N GLY A 208 -21.40 13.58 7.14
CA GLY A 208 -21.54 13.28 5.72
C GLY A 208 -21.38 11.80 5.42
N SER A 209 -22.28 11.34 4.58
CA SER A 209 -22.32 9.98 4.07
C SER A 209 -22.21 10.15 2.55
N TRP A 210 -21.09 9.80 1.99
CA TRP A 210 -20.89 9.95 0.56
C TRP A 210 -21.90 9.11 -0.23
N ARG A 211 -22.31 7.96 0.27
CA ARG A 211 -23.28 7.10 -0.40
C ARG A 211 -24.65 7.79 -0.38
N GLU A 212 -24.96 8.46 0.72
CA GLU A 212 -26.25 9.15 0.77
C GLU A 212 -26.29 10.39 -0.09
N ASP A 213 -25.19 11.13 -0.22
CA ASP A 213 -25.18 12.34 -1.01
C ASP A 213 -24.67 12.18 -2.42
N TRP A 214 -24.27 10.98 -2.81
CA TRP A 214 -23.72 10.79 -4.15
C TRP A 214 -24.63 11.39 -5.21
N GLY A 215 -25.93 11.12 -5.15
CA GLY A 215 -26.89 11.66 -6.09
C GLY A 215 -26.71 13.14 -6.35
N GLN A 216 -26.33 13.95 -5.39
CA GLN A 216 -26.14 15.36 -5.62
C GLN A 216 -25.05 15.75 -6.59
N LEU A 217 -24.10 14.92 -7.00
CA LEU A 217 -23.08 15.35 -7.96
C LEU A 217 -23.61 15.33 -9.39
N SER A 218 -24.82 14.81 -9.58
CA SER A 218 -25.42 14.73 -10.91
C SER A 218 -26.85 15.26 -10.89
N GLY A 219 -27.15 16.15 -9.93
CA GLY A 219 -28.49 16.73 -9.80
C GLY A 219 -28.48 18.05 -9.04
N PRO A 235 -24.80 20.35 9.22
CA PRO A 235 -24.31 21.49 8.46
C PRO A 235 -22.85 21.17 8.08
N ARG A 236 -22.68 20.99 6.78
CA ARG A 236 -21.38 20.53 6.28
C ARG A 236 -21.24 20.88 4.82
N PRO A 237 -20.02 20.91 4.32
CA PRO A 237 -19.82 21.22 2.91
C PRO A 237 -20.65 20.32 2.01
N HIS A 238 -21.03 20.88 0.88
CA HIS A 238 -21.74 20.14 -0.14
C HIS A 238 -20.73 19.11 -0.66
N ILE A 239 -21.24 17.95 -1.07
CA ILE A 239 -20.37 16.90 -1.58
C ILE A 239 -19.54 17.36 -2.76
N GLY A 240 -20.00 18.32 -3.55
CA GLY A 240 -19.32 18.87 -4.69
C GLY A 240 -18.04 19.62 -4.38
N ASP A 241 -17.80 19.95 -3.13
CA ASP A 241 -16.70 20.61 -2.53
C ASP A 241 -15.82 19.64 -1.70
N THR A 242 -15.93 18.34 -1.93
CA THR A 242 -15.11 17.39 -1.19
C THR A 242 -14.33 16.53 -2.17
N LEU A 243 -13.37 15.71 -1.74
CA LEU A 243 -12.63 14.88 -2.71
C LEU A 243 -13.50 13.89 -3.45
N PHE A 244 -14.70 13.62 -2.97
CA PHE A 244 -15.63 12.69 -3.58
C PHE A 244 -16.01 13.16 -4.97
N THR A 245 -16.14 14.48 -5.25
CA THR A 245 -16.47 14.87 -6.61
C THR A 245 -15.49 14.38 -7.68
N LEU A 246 -14.25 14.19 -7.29
CA LEU A 246 -13.20 13.78 -8.22
C LEU A 246 -13.44 12.37 -8.72
N PHE A 247 -14.13 11.59 -7.88
CA PHE A 247 -14.34 10.18 -8.24
C PHE A 247 -15.60 9.93 -9.00
N ARG A 248 -16.19 10.99 -9.59
CA ARG A 248 -17.37 10.83 -10.44
C ARG A 248 -16.85 10.58 -11.85
N ALA A 249 -15.55 10.52 -11.98
CA ALA A 249 -14.85 10.24 -13.21
C ALA A 249 -15.55 9.05 -13.89
N PRO A 250 -15.70 9.10 -15.19
CA PRO A 250 -16.38 8.07 -15.94
C PRO A 250 -15.64 6.77 -16.13
N GLU A 251 -14.36 6.69 -15.77
CA GLU A 251 -13.61 5.43 -15.95
C GLU A 251 -14.03 4.42 -14.88
N LEU A 252 -14.53 4.96 -13.77
CA LEU A 252 -15.02 4.28 -12.61
C LEU A 252 -16.51 3.92 -12.63
N LEU A 253 -17.24 4.35 -13.65
CA LEU A 253 -18.67 4.14 -13.75
C LEU A 253 -19.11 3.08 -14.73
N ALA A 254 -20.08 2.24 -14.34
CA ALA A 254 -20.60 1.24 -15.27
C ALA A 254 -21.43 1.98 -16.36
N PRO A 255 -21.85 1.24 -17.36
CA PRO A 255 -22.68 1.76 -18.43
C PRO A 255 -23.97 2.37 -17.91
N ASN A 256 -24.44 2.02 -16.72
CA ASN A 256 -25.69 2.60 -16.23
C ASN A 256 -25.39 3.78 -15.32
N GLY A 257 -24.10 4.10 -15.24
CA GLY A 257 -23.66 5.24 -14.48
C GLY A 257 -23.33 4.99 -13.03
N ASP A 258 -23.57 3.77 -12.55
CA ASP A 258 -23.27 3.45 -11.17
C ASP A 258 -21.74 3.28 -11.04
N LEU A 259 -21.25 3.64 -9.87
CA LEU A 259 -19.82 3.48 -9.56
C LEU A 259 -19.64 1.96 -9.34
N TYR A 260 -18.60 1.36 -9.88
CA TYR A 260 -18.40 -0.07 -9.59
C TYR A 260 -18.13 -0.22 -8.08
N ASN A 261 -18.43 -1.39 -7.54
CA ASN A 261 -18.25 -1.67 -6.14
C ASN A 261 -16.78 -1.59 -5.73
N VAL A 262 -15.82 -2.09 -6.50
CA VAL A 262 -14.45 -1.92 -6.10
C VAL A 262 -14.19 -0.41 -5.75
N PHE A 263 -14.62 0.50 -6.64
CA PHE A 263 -14.35 1.93 -6.40
C PHE A 263 -15.12 2.43 -5.21
N ALA A 264 -16.40 2.02 -5.02
CA ALA A 264 -17.16 2.44 -3.86
C ALA A 264 -16.45 1.98 -2.60
N TRP A 265 -15.93 0.76 -2.57
CA TRP A 265 -15.20 0.33 -1.36
C TRP A 265 -13.94 1.17 -1.20
N ALA A 266 -13.31 1.62 -2.29
CA ALA A 266 -12.15 2.49 -2.17
C ALA A 266 -12.48 3.83 -1.50
N LEU A 267 -13.66 4.36 -1.80
CA LEU A 267 -14.17 5.59 -1.21
C LEU A 267 -14.57 5.37 0.22
N ASP A 268 -15.01 4.15 0.55
CA ASP A 268 -15.40 3.85 1.94
C ASP A 268 -14.12 3.92 2.79
N VAL A 269 -13.04 3.30 2.33
CA VAL A 269 -11.75 3.40 3.04
C VAL A 269 -11.34 4.86 3.22
N LEU A 270 -11.46 5.63 2.12
CA LEU A 270 -11.11 7.04 2.14
C LEU A 270 -11.85 7.80 3.23
N ALA A 271 -13.16 7.55 3.33
CA ALA A 271 -14.00 8.15 4.34
C ALA A 271 -13.47 7.76 5.72
N LYS A 272 -13.22 6.44 5.87
CA LYS A 272 -12.69 5.97 7.15
C LYS A 272 -11.30 6.48 7.47
N ARG A 273 -10.37 6.59 6.54
CA ARG A 273 -9.01 7.10 6.85
C ARG A 273 -9.01 8.60 7.12
N LEU A 274 -9.81 9.33 6.32
CA LEU A 274 -9.76 10.80 6.48
C LEU A 274 -10.36 11.30 7.77
N ARG A 275 -11.64 11.10 7.90
CA ARG A 275 -12.55 11.42 8.95
C ARG A 275 -11.97 11.53 10.34
N SER A 276 -11.17 10.60 10.83
CA SER A 276 -10.60 10.72 12.15
C SER A 276 -9.30 11.51 12.23
N MET A 277 -8.85 12.12 11.14
CA MET A 277 -7.63 12.95 11.23
C MET A 277 -7.99 14.33 11.82
N HIS A 278 -7.09 14.93 12.57
CA HIS A 278 -7.33 16.28 13.14
C HIS A 278 -6.55 17.24 12.26
N VAL A 279 -7.25 18.06 11.52
CA VAL A 279 -6.78 19.00 10.56
C VAL A 279 -6.62 20.35 11.20
N PHE A 280 -5.52 20.98 10.84
CA PHE A 280 -5.11 22.28 11.37
C PHE A 280 -4.59 23.19 10.26
N ILE A 281 -5.09 24.40 10.19
CA ILE A 281 -4.74 25.33 9.15
C ILE A 281 -3.77 26.39 9.65
N LEU A 282 -2.63 26.47 8.97
CA LEU A 282 -1.56 27.41 9.26
C LEU A 282 -1.52 28.44 8.10
N ASP A 283 -1.65 29.68 8.49
CA ASP A 283 -1.62 30.79 7.53
C ASP A 283 -0.17 31.01 7.14
N TYR A 284 0.17 30.89 5.85
CA TYR A 284 1.56 31.09 5.46
C TYR A 284 1.83 32.52 4.99
N ASP A 285 0.77 33.30 4.79
CA ASP A 285 0.90 34.69 4.34
C ASP A 285 1.47 35.57 5.43
N GLN A 286 2.77 35.41 5.70
CA GLN A 286 3.50 36.09 6.73
C GLN A 286 4.96 35.62 6.75
N SER A 287 5.79 36.34 7.47
CA SER A 287 7.21 36.02 7.57
C SER A 287 7.45 34.75 8.35
N PRO A 288 8.55 34.05 8.08
CA PRO A 288 8.91 32.83 8.75
C PRO A 288 8.94 32.90 10.25
N ALA A 289 9.00 34.06 10.89
CA ALA A 289 8.97 34.11 12.35
C ALA A 289 7.50 33.87 12.76
N GLY A 290 6.63 34.53 11.99
CA GLY A 290 5.18 34.42 12.21
C GLY A 290 4.79 32.95 12.04
N CYS A 291 5.06 32.39 10.86
CA CYS A 291 4.76 31.01 10.53
C CYS A 291 5.23 30.04 11.62
N ARG A 292 6.46 30.22 12.07
CA ARG A 292 7.07 29.37 13.09
C ARG A 292 6.37 29.42 14.44
N ASP A 293 5.89 30.60 14.86
CA ASP A 293 5.22 30.68 16.16
C ASP A 293 3.78 30.25 15.97
N ALA A 294 3.24 30.65 14.82
CA ALA A 294 1.87 30.30 14.47
C ALA A 294 1.69 28.79 14.60
N LEU A 295 2.70 28.05 14.11
CA LEU A 295 2.70 26.60 14.16
C LEU A 295 2.69 26.04 15.57
N LEU A 296 3.49 26.64 16.43
CA LEU A 296 3.65 26.18 17.82
C LEU A 296 2.40 26.50 18.60
N GLN A 297 1.64 27.51 18.16
CA GLN A 297 0.38 27.91 18.79
C GLN A 297 -0.67 26.81 18.51
N LEU A 298 -0.63 26.34 17.27
CA LEU A 298 -1.48 25.27 16.79
C LEU A 298 -1.36 24.03 17.64
N THR A 299 -0.17 23.74 18.20
CA THR A 299 -0.07 22.48 18.96
C THR A 299 -0.97 22.38 20.15
N SER A 300 -1.53 23.42 20.76
CA SER A 300 -2.35 23.27 21.96
C SER A 300 -3.68 22.59 21.74
N GLY A 301 -4.22 22.58 20.52
CA GLY A 301 -5.48 21.91 20.23
C GLY A 301 -5.21 20.59 19.51
N MET A 302 -3.93 20.19 19.50
CA MET A 302 -3.54 18.93 18.89
C MET A 302 -3.71 17.81 19.90
N VAL A 303 -3.94 16.62 19.36
CA VAL A 303 -4.15 15.46 20.20
C VAL A 303 -2.88 14.67 20.38
N GLN A 304 -2.62 14.25 21.58
CA GLN A 304 -1.40 13.54 21.98
C GLN A 304 -1.73 12.09 22.26
N THR A 305 -0.72 11.22 22.28
CA THR A 305 -0.96 9.84 22.54
C THR A 305 0.09 9.26 23.50
N HIS A 306 -0.27 8.10 24.08
CA HIS A 306 0.64 7.37 24.90
C HIS A 306 1.51 6.52 23.97
N VAL A 307 2.73 6.19 24.33
CA VAL A 307 3.51 5.29 23.45
C VAL A 307 3.25 3.90 24.02
N THR A 308 3.58 2.79 23.38
CA THR A 308 3.23 1.50 23.97
C THR A 308 4.30 0.87 24.82
N THR A 309 5.56 1.30 24.76
CA THR A 309 6.59 0.72 25.61
C THR A 309 7.35 1.90 26.25
N PRO A 310 8.02 1.64 27.36
CA PRO A 310 8.81 2.64 28.04
C PRO A 310 9.96 3.12 27.17
N GLY A 311 10.49 2.19 26.35
CA GLY A 311 11.60 2.49 25.46
C GLY A 311 11.13 2.98 24.10
N SER A 312 9.89 3.40 23.97
CA SER A 312 9.35 3.88 22.72
C SER A 312 9.85 5.24 22.28
N ILE A 313 10.20 6.14 23.19
CA ILE A 313 10.67 7.47 22.85
C ILE A 313 12.04 7.53 22.21
N PRO A 314 13.04 6.83 22.73
CA PRO A 314 14.38 6.81 22.20
C PRO A 314 14.44 6.11 20.85
N THR A 315 13.60 5.07 20.70
CA THR A 315 13.59 4.38 19.39
C THR A 315 13.07 5.38 18.36
N ILE A 316 12.01 6.10 18.75
CA ILE A 316 11.45 7.10 17.83
C ILE A 316 12.51 8.14 17.47
N CYS A 317 13.25 8.64 18.45
CA CYS A 317 14.30 9.62 18.22
C CYS A 317 15.38 9.08 17.29
N ASP A 318 15.85 7.84 17.48
CA ASP A 318 16.87 7.32 16.58
C ASP A 318 16.33 7.21 15.16
N LEU A 319 15.10 6.75 15.04
CA LEU A 319 14.41 6.58 13.75
C LEU A 319 14.47 7.97 13.07
N ALA A 320 13.98 8.96 13.80
CA ALA A 320 13.98 10.35 13.37
C ALA A 320 15.39 10.83 13.03
N ARG A 321 16.39 10.59 13.87
CA ARG A 321 17.75 11.00 13.56
C ARG A 321 18.31 10.26 12.35
N THR A 322 18.15 8.94 12.33
CA THR A 322 18.65 8.17 11.19
C THR A 322 17.95 8.54 9.88
N PHE A 323 16.64 8.79 9.92
CA PHE A 323 15.93 9.16 8.67
C PHE A 323 16.54 10.44 8.12
N ALA A 324 16.55 11.44 9.01
CA ALA A 324 17.11 12.74 8.68
C ALA A 324 18.52 12.62 8.12
N ARG A 325 19.38 11.91 8.86
CA ARG A 325 20.78 11.78 8.41
C ARG A 325 20.89 11.07 7.09
N GLU A 326 20.13 10.00 6.88
CA GLU A 326 20.30 9.26 5.62
C GLU A 326 19.55 9.79 4.45
N MET A 327 18.37 10.38 4.68
CA MET A 327 17.56 10.80 3.52
C MET A 327 17.26 12.28 3.37
N GLY A 328 17.37 13.08 4.42
CA GLY A 328 17.10 14.51 4.30
C GLY A 328 18.38 15.30 4.14
N GLU A 329 19.19 14.92 3.17
CA GLU A 329 20.48 15.53 2.90
C GLU A 329 21.56 14.69 3.64
N MET B 1 -19.52 -14.91 20.57
CA MET B 1 -19.65 -14.51 19.14
C MET B 1 -19.52 -15.63 18.13
N PRO B 2 -19.96 -15.40 16.89
CA PRO B 2 -19.86 -16.36 15.80
C PRO B 2 -18.42 -16.35 15.30
N THR B 3 -17.92 -17.45 14.82
CA THR B 3 -16.52 -17.51 14.35
C THR B 3 -16.43 -17.48 12.83
N LEU B 4 -15.27 -17.13 12.31
CA LEU B 4 -14.93 -17.00 10.91
C LEU B 4 -13.61 -17.73 10.60
N LEU B 5 -13.62 -18.36 9.42
CA LEU B 5 -12.45 -19.04 8.93
C LEU B 5 -12.08 -18.38 7.58
N ARG B 6 -10.88 -17.79 7.52
CA ARG B 6 -10.45 -17.17 6.26
C ARG B 6 -9.26 -17.97 5.74
N VAL B 7 -9.36 -18.42 4.50
CA VAL B 7 -8.33 -19.22 3.88
C VAL B 7 -7.93 -18.62 2.54
N TYR B 8 -6.64 -18.33 2.39
CA TYR B 8 -6.18 -17.77 1.14
C TYR B 8 -5.33 -18.80 0.40
N ILE B 9 -5.80 -19.26 -0.74
CA ILE B 9 -5.06 -20.20 -1.56
C ILE B 9 -4.12 -19.40 -2.46
N ASP B 10 -2.83 -19.67 -2.43
CA ASP B 10 -1.92 -18.85 -3.26
C ASP B 10 -0.79 -19.71 -3.79
N GLY B 11 0.22 -19.08 -4.39
CA GLY B 11 1.36 -19.76 -4.95
C GLY B 11 1.40 -19.50 -6.44
N PRO B 12 2.33 -20.15 -7.11
CA PRO B 12 2.44 -19.99 -8.55
C PRO B 12 1.16 -20.45 -9.25
N HIS B 13 0.94 -19.82 -10.40
CA HIS B 13 -0.15 -20.11 -11.28
C HIS B 13 0.10 -21.46 -11.98
N GLY B 14 -0.99 -22.11 -12.40
CA GLY B 14 -0.92 -23.36 -13.09
C GLY B 14 -0.73 -24.59 -12.26
N MET B 15 -1.16 -24.62 -11.00
CA MET B 15 -0.98 -25.83 -10.20
C MET B 15 -2.34 -26.48 -9.91
N GLY B 16 -3.45 -25.79 -10.21
CA GLY B 16 -4.77 -26.31 -9.93
C GLY B 16 -5.42 -25.54 -8.78
N LYS B 17 -4.94 -24.37 -8.40
CA LYS B 17 -5.52 -23.60 -7.31
C LYS B 17 -7.02 -23.32 -7.47
N THR B 18 -7.40 -22.74 -8.59
CA THR B 18 -8.79 -22.37 -8.86
C THR B 18 -9.71 -23.57 -8.81
N THR B 19 -9.36 -24.61 -9.57
CA THR B 19 -10.15 -25.82 -9.56
C THR B 19 -10.35 -26.33 -8.14
N THR B 20 -9.23 -26.61 -7.45
CA THR B 20 -9.28 -27.14 -6.09
C THR B 20 -10.19 -26.31 -5.19
N THR B 21 -10.02 -25.00 -5.28
CA THR B 21 -10.85 -24.11 -4.48
C THR B 21 -12.32 -24.35 -4.77
N GLN B 22 -12.68 -24.41 -6.08
CA GLN B 22 -14.11 -24.59 -6.33
C GLN B 22 -14.64 -25.91 -5.90
N LEU B 23 -13.85 -26.97 -5.89
CA LEU B 23 -14.37 -28.27 -5.44
C LEU B 23 -14.67 -28.18 -3.95
N LEU B 24 -13.82 -27.47 -3.25
CA LEU B 24 -14.00 -27.22 -1.81
C LEU B 24 -15.27 -26.41 -1.63
N VAL B 25 -15.46 -25.31 -2.36
CA VAL B 25 -16.69 -24.56 -2.23
C VAL B 25 -17.94 -25.45 -2.46
N ALA B 26 -17.87 -26.29 -3.47
CA ALA B 26 -18.97 -27.16 -3.86
C ALA B 26 -19.48 -28.05 -2.75
N LEU B 27 -18.58 -28.64 -1.96
CA LEU B 27 -18.98 -29.49 -0.87
C LEU B 27 -19.84 -28.83 0.18
N GLY B 28 -19.72 -27.54 0.40
CA GLY B 28 -20.44 -26.85 1.42
C GLY B 28 -21.86 -26.42 1.20
N SER B 29 -22.41 -25.97 2.34
CA SER B 29 -23.77 -25.45 2.33
C SER B 29 -23.76 -24.18 1.49
N ARG B 30 -24.91 -23.84 0.91
CA ARG B 30 -25.01 -22.66 0.06
C ARG B 30 -24.46 -21.40 0.71
N ASP B 31 -24.75 -21.14 1.99
CA ASP B 31 -24.28 -19.94 2.65
C ASP B 31 -23.19 -20.05 3.68
N ASP B 32 -22.58 -21.18 4.00
CA ASP B 32 -21.53 -21.12 5.03
C ASP B 32 -20.11 -21.21 4.50
N ILE B 33 -19.96 -21.02 3.21
CA ILE B 33 -18.73 -21.00 2.48
C ILE B 33 -18.87 -20.16 1.22
N VAL B 34 -18.06 -19.09 1.14
CA VAL B 34 -18.14 -18.24 -0.04
C VAL B 34 -16.74 -18.12 -0.64
N TYR B 35 -16.69 -18.13 -1.94
CA TYR B 35 -15.52 -18.04 -2.74
C TYR B 35 -15.34 -16.62 -3.31
N VAL B 36 -14.15 -16.08 -3.06
CA VAL B 36 -13.74 -14.75 -3.55
C VAL B 36 -12.71 -15.07 -4.64
N PRO B 37 -13.09 -15.06 -5.89
CA PRO B 37 -12.25 -15.41 -7.01
C PRO B 37 -11.21 -14.40 -7.45
N GLU B 38 -10.50 -14.83 -8.48
CA GLU B 38 -9.46 -13.99 -9.08
C GLU B 38 -10.24 -12.84 -9.75
N PRO B 39 -9.85 -11.61 -9.48
CA PRO B 39 -10.56 -10.45 -10.03
C PRO B 39 -10.18 -10.10 -11.45
N MET B 40 -10.26 -11.06 -12.38
CA MET B 40 -9.93 -10.91 -13.77
C MET B 40 -10.57 -9.72 -14.47
N THR B 41 -11.84 -9.46 -14.14
CA THR B 41 -12.60 -8.38 -14.77
C THR B 41 -11.95 -7.03 -14.48
N TYR B 42 -11.49 -6.92 -13.22
CA TYR B 42 -10.78 -5.72 -12.82
C TYR B 42 -9.47 -5.68 -13.61
N TRP B 43 -8.74 -6.78 -13.72
CA TRP B 43 -7.47 -6.79 -14.44
C TRP B 43 -7.62 -6.61 -15.94
N ARG B 44 -8.73 -6.97 -16.55
CA ARG B 44 -8.89 -6.82 -17.98
C ARG B 44 -9.60 -5.56 -18.40
N VAL B 45 -10.57 -5.11 -17.59
CA VAL B 45 -11.37 -3.96 -17.96
C VAL B 45 -11.51 -2.88 -16.92
N LEU B 46 -11.97 -3.13 -15.70
CA LEU B 46 -12.19 -2.08 -14.72
C LEU B 46 -10.98 -1.29 -14.32
N GLY B 47 -9.85 -1.86 -13.88
CA GLY B 47 -8.70 -1.05 -13.46
C GLY B 47 -7.84 -0.48 -14.58
N ALA B 48 -7.80 -1.12 -15.73
CA ALA B 48 -7.04 -0.73 -16.90
C ALA B 48 -7.40 -1.75 -18.00
N SER B 49 -6.80 -1.65 -19.17
CA SER B 49 -7.06 -2.55 -20.26
C SER B 49 -6.07 -3.69 -20.45
N GLU B 50 -6.51 -4.93 -20.31
CA GLU B 50 -5.68 -6.11 -20.53
C GLU B 50 -4.36 -6.04 -19.80
N THR B 51 -4.39 -5.89 -18.48
CA THR B 51 -3.18 -5.81 -17.67
C THR B 51 -2.32 -7.03 -17.82
N ILE B 52 -2.87 -8.24 -17.73
CA ILE B 52 -2.01 -9.43 -17.88
C ILE B 52 -1.27 -9.39 -19.22
N ALA B 53 -1.97 -9.12 -20.31
CA ALA B 53 -1.38 -9.06 -21.64
C ALA B 53 -0.17 -8.15 -21.70
N ASN B 54 -0.38 -6.95 -21.20
CA ASN B 54 0.54 -5.87 -21.11
C ASN B 54 1.83 -6.20 -20.34
N ILE B 55 1.70 -6.98 -19.28
CA ILE B 55 2.78 -7.45 -18.44
C ILE B 55 3.62 -8.47 -19.22
N PHE B 56 2.96 -9.37 -19.95
CA PHE B 56 3.73 -10.35 -20.73
C PHE B 56 4.41 -9.71 -21.92
N THR B 57 3.76 -8.73 -22.55
CA THR B 57 4.33 -8.03 -23.68
C THR B 57 5.64 -7.36 -23.21
N THR B 58 5.49 -6.54 -22.18
CA THR B 58 6.62 -5.81 -21.61
C THR B 58 7.80 -6.75 -21.35
N GLN B 59 7.52 -7.84 -20.61
CA GLN B 59 8.59 -8.79 -20.32
C GLN B 59 9.22 -9.30 -21.62
N HIS B 60 8.44 -9.60 -22.64
CA HIS B 60 9.07 -10.09 -23.90
C HIS B 60 9.86 -8.98 -24.55
N ARG B 61 9.29 -7.78 -24.59
CA ARG B 61 9.97 -6.62 -25.16
C ARG B 61 11.37 -6.51 -24.55
N LEU B 62 11.44 -6.48 -23.21
CA LEU B 62 12.67 -6.39 -22.47
C LEU B 62 13.61 -7.55 -22.78
N ASP B 63 13.08 -8.76 -22.82
CA ASP B 63 13.88 -9.95 -23.14
C ASP B 63 14.54 -9.78 -24.51
N GLN B 64 13.77 -9.21 -25.43
CA GLN B 64 14.15 -8.91 -26.78
C GLN B 64 15.15 -7.77 -26.93
N GLY B 65 15.21 -6.90 -25.93
CA GLY B 65 16.11 -5.75 -26.02
C GLY B 65 15.42 -4.64 -26.79
N GLU B 66 14.09 -4.70 -26.91
CA GLU B 66 13.35 -3.68 -27.63
C GLU B 66 12.96 -2.51 -26.73
N ILE B 67 13.12 -2.64 -25.43
CA ILE B 67 12.86 -1.63 -24.44
C ILE B 67 13.94 -1.77 -23.35
N SER B 68 14.16 -0.72 -22.57
CA SER B 68 15.17 -0.81 -21.53
C SER B 68 14.62 -1.32 -20.21
N ALA B 69 15.55 -1.65 -19.30
CA ALA B 69 15.17 -2.12 -17.98
C ALA B 69 14.28 -1.07 -17.30
N GLY B 70 14.57 0.20 -17.50
CA GLY B 70 13.81 1.30 -16.95
C GLY B 70 12.40 1.27 -17.53
N ASP B 71 12.26 1.12 -18.85
CA ASP B 71 10.94 1.08 -19.48
C ASP B 71 10.11 -0.02 -18.79
N ALA B 72 10.71 -1.18 -18.80
CA ALA B 72 10.16 -2.38 -18.18
C ALA B 72 9.64 -2.09 -16.78
N ALA B 73 10.45 -1.56 -15.88
CA ALA B 73 10.06 -1.26 -14.51
C ALA B 73 8.92 -0.28 -14.34
N VAL B 74 8.85 0.78 -15.15
CA VAL B 74 7.77 1.72 -15.00
C VAL B 74 6.42 0.97 -15.19
N VAL B 75 6.35 0.15 -16.22
CA VAL B 75 5.20 -0.64 -16.58
C VAL B 75 4.83 -1.72 -15.59
N MET B 76 5.75 -2.59 -15.20
CA MET B 76 5.48 -3.65 -14.23
C MET B 76 5.03 -3.05 -12.90
N THR B 77 5.69 -2.01 -12.40
CA THR B 77 5.28 -1.36 -11.15
C THR B 77 3.85 -0.88 -11.24
N SER B 78 3.54 -0.18 -12.32
CA SER B 78 2.21 0.39 -12.56
C SER B 78 1.15 -0.68 -12.77
N ALA B 79 1.55 -1.78 -13.41
CA ALA B 79 0.66 -2.89 -13.69
C ALA B 79 0.33 -3.67 -12.42
N GLN B 80 1.31 -3.79 -11.53
CA GLN B 80 1.23 -4.47 -10.27
C GLN B 80 0.32 -3.73 -9.29
N ILE B 81 0.32 -2.42 -9.36
CA ILE B 81 -0.59 -1.61 -8.54
C ILE B 81 -2.00 -2.04 -8.94
N THR B 82 -2.29 -1.97 -10.25
CA THR B 82 -3.60 -2.39 -10.76
C THR B 82 -3.85 -3.84 -10.41
N MET B 83 -2.84 -4.72 -10.59
CA MET B 83 -3.09 -6.13 -10.21
C MET B 83 -3.51 -6.28 -8.76
N GLY B 84 -2.89 -5.59 -7.78
CA GLY B 84 -3.24 -5.78 -6.40
C GLY B 84 -4.39 -5.03 -5.82
N MET B 85 -4.87 -4.00 -6.55
CA MET B 85 -5.95 -3.16 -6.04
C MET B 85 -7.10 -3.91 -5.40
N PRO B 86 -7.76 -4.82 -6.10
CA PRO B 86 -8.89 -5.56 -5.56
C PRO B 86 -8.55 -6.27 -4.25
N TYR B 87 -7.33 -6.81 -4.18
CA TYR B 87 -6.96 -7.52 -2.96
C TYR B 87 -6.78 -6.52 -1.84
N ALA B 88 -6.18 -5.38 -2.22
CA ALA B 88 -5.97 -4.38 -1.14
C ALA B 88 -7.26 -3.80 -0.61
N VAL B 89 -8.21 -3.46 -1.50
CA VAL B 89 -9.43 -2.80 -1.00
C VAL B 89 -10.28 -3.75 -0.23
N THR B 90 -10.30 -5.03 -0.66
CA THR B 90 -11.07 -6.05 0.07
C THR B 90 -10.55 -6.25 1.48
N ASP B 91 -9.23 -6.34 1.65
CA ASP B 91 -8.65 -6.48 2.98
C ASP B 91 -8.98 -5.25 3.82
N ALA B 92 -8.92 -4.04 3.20
CA ALA B 92 -9.22 -2.86 4.05
C ALA B 92 -10.65 -2.81 4.51
N VAL B 93 -11.62 -3.24 3.71
CA VAL B 93 -13.00 -3.20 4.16
C VAL B 93 -13.34 -4.36 5.10
N LEU B 94 -12.60 -5.45 4.97
CA LEU B 94 -12.82 -6.65 5.81
C LEU B 94 -12.22 -6.46 7.20
N ALA B 95 -11.03 -5.86 7.24
CA ALA B 95 -10.33 -5.60 8.49
C ALA B 95 -11.20 -5.25 9.68
N PRO B 96 -12.06 -4.22 9.65
CA PRO B 96 -12.88 -3.80 10.76
C PRO B 96 -13.72 -4.91 11.39
N HIS B 97 -14.04 -5.92 10.62
CA HIS B 97 -14.84 -7.02 11.03
C HIS B 97 -14.09 -8.15 11.73
N ILE B 98 -12.76 -8.21 11.61
CA ILE B 98 -12.05 -9.33 12.20
C ILE B 98 -11.66 -9.12 13.64
N GLY B 99 -12.03 -10.08 14.50
CA GLY B 99 -11.70 -10.01 15.92
C GLY B 99 -10.50 -10.88 16.30
N GLY B 100 -10.38 -11.29 17.57
CA GLY B 100 -9.27 -12.11 18.03
C GLY B 100 -9.29 -13.56 17.56
N GLU B 101 -8.16 -14.24 17.76
CA GLU B 101 -8.07 -15.64 17.36
C GLU B 101 -8.83 -16.55 18.35
N ALA B 102 -9.75 -17.33 17.83
CA ALA B 102 -10.52 -18.30 18.60
C ALA B 102 -9.63 -19.53 18.88
N GLY B 103 -9.75 -20.52 18.01
CA GLY B 103 -8.99 -21.76 18.08
C GLY B 103 -9.17 -22.55 16.78
N SER B 104 -8.35 -23.59 16.56
CA SER B 104 -8.46 -24.39 15.35
C SER B 104 -9.42 -25.57 15.53
N PRO B 109 -16.42 -25.46 14.15
CA PRO B 109 -17.41 -25.26 13.09
C PRO B 109 -17.70 -23.79 12.87
N PRO B 110 -17.02 -23.15 11.93
CA PRO B 110 -17.22 -21.74 11.67
C PRO B 110 -18.57 -21.43 11.09
N ALA B 111 -19.14 -20.31 11.50
CA ALA B 111 -20.41 -19.84 10.97
C ALA B 111 -20.23 -19.44 9.51
N LEU B 112 -19.02 -19.05 9.14
CA LEU B 112 -18.73 -18.64 7.77
C LEU B 112 -17.26 -18.94 7.47
N THR B 113 -17.05 -19.43 6.28
CA THR B 113 -15.75 -19.73 5.75
C THR B 113 -15.61 -18.99 4.40
N LEU B 114 -14.55 -18.22 4.26
CA LEU B 114 -14.20 -17.49 3.06
C LEU B 114 -12.92 -18.05 2.42
N ILE B 115 -13.02 -18.50 1.18
CA ILE B 115 -11.85 -19.02 0.50
C ILE B 115 -11.44 -17.95 -0.52
N PHE B 116 -10.30 -17.31 -0.34
CA PHE B 116 -9.94 -16.30 -1.32
C PHE B 116 -9.02 -16.90 -2.40
N ASP B 117 -9.08 -16.30 -3.57
CA ASP B 117 -8.18 -16.70 -4.66
C ASP B 117 -7.00 -15.73 -4.53
N ARG B 118 -5.97 -16.13 -3.81
CA ARG B 118 -4.77 -15.39 -3.53
C ARG B 118 -4.97 -14.37 -2.40
N HIS B 119 -3.86 -13.94 -1.83
CA HIS B 119 -3.82 -12.93 -0.77
C HIS B 119 -3.14 -11.67 -1.26
N PRO B 120 -3.34 -10.51 -0.62
CA PRO B 120 -2.65 -9.29 -0.96
C PRO B 120 -1.15 -9.44 -1.14
N ILE B 121 -0.42 -10.31 -0.38
CA ILE B 121 1.01 -10.44 -0.64
C ILE B 121 1.29 -11.00 -2.03
N ALA B 122 0.27 -11.58 -2.71
CA ALA B 122 0.63 -12.06 -4.06
C ALA B 122 1.03 -10.88 -4.91
N ALA B 123 0.20 -9.84 -4.92
CA ALA B 123 0.41 -8.65 -5.75
C ALA B 123 1.45 -7.67 -5.28
N LEU B 124 1.60 -7.51 -3.97
CA LEU B 124 2.55 -6.69 -3.33
C LEU B 124 3.90 -7.31 -2.97
N LEU B 125 4.28 -8.52 -3.31
CA LEU B 125 5.54 -9.12 -2.92
C LEU B 125 6.01 -10.22 -3.82
N CYS B 126 5.20 -11.26 -3.98
CA CYS B 126 5.59 -12.40 -4.80
C CYS B 126 5.77 -12.10 -6.25
N TYR B 127 4.78 -11.56 -6.95
CA TYR B 127 4.93 -11.25 -8.38
C TYR B 127 5.99 -10.20 -8.59
N PRO B 128 5.95 -9.07 -7.87
CA PRO B 128 6.97 -8.05 -7.94
C PRO B 128 8.39 -8.62 -7.72
N ALA B 129 8.57 -9.39 -6.64
CA ALA B 129 9.88 -10.00 -6.37
C ALA B 129 10.34 -10.85 -7.55
N ALA B 130 9.40 -11.60 -8.14
CA ALA B 130 9.74 -12.45 -9.30
C ALA B 130 10.05 -11.60 -10.52
N ARG B 131 9.33 -10.46 -10.65
CA ARG B 131 9.67 -9.58 -11.79
C ARG B 131 11.05 -8.98 -11.52
N TYR B 132 11.41 -8.78 -10.25
CA TYR B 132 12.76 -8.31 -9.94
C TYR B 132 13.77 -9.36 -10.39
N LEU B 133 13.45 -10.64 -10.20
CA LEU B 133 14.33 -11.72 -10.64
C LEU B 133 14.42 -11.80 -12.16
N MET B 134 13.36 -11.42 -12.87
CA MET B 134 13.30 -11.37 -14.31
C MET B 134 13.93 -10.08 -14.87
N GLY B 135 14.37 -9.19 -13.98
CA GLY B 135 14.95 -7.92 -14.35
C GLY B 135 13.97 -6.86 -14.79
N SER B 136 12.66 -7.06 -14.59
CA SER B 136 11.67 -6.08 -15.02
C SER B 136 11.19 -5.16 -13.91
N MET B 137 11.71 -5.33 -12.70
CA MET B 137 11.33 -4.44 -11.61
C MET B 137 12.57 -4.15 -10.77
N THR B 138 12.63 -2.98 -10.15
CA THR B 138 13.75 -2.64 -9.28
C THR B 138 13.48 -3.19 -7.89
N PRO B 139 14.52 -3.52 -7.16
CA PRO B 139 14.38 -4.01 -5.81
C PRO B 139 13.85 -2.89 -4.92
N GLN B 140 14.03 -1.64 -5.27
CA GLN B 140 13.54 -0.51 -4.48
C GLN B 140 12.01 -0.48 -4.64
N ALA B 141 11.57 -0.71 -5.90
CA ALA B 141 10.10 -0.72 -6.07
C ALA B 141 9.51 -1.90 -5.30
N VAL B 142 10.14 -3.07 -5.38
CA VAL B 142 9.64 -4.24 -4.62
C VAL B 142 9.51 -3.88 -3.14
N LEU B 143 10.54 -3.23 -2.57
CA LEU B 143 10.47 -2.84 -1.15
C LEU B 143 9.42 -1.77 -0.89
N ALA B 144 9.13 -0.88 -1.81
CA ALA B 144 8.04 0.11 -1.71
C ALA B 144 6.71 -0.64 -1.58
N PHE B 145 6.49 -1.69 -2.39
CA PHE B 145 5.30 -2.52 -2.28
C PHE B 145 5.27 -3.22 -0.93
N VAL B 146 6.43 -3.76 -0.49
CA VAL B 146 6.48 -4.44 0.81
C VAL B 146 6.12 -3.49 1.92
N ALA B 147 6.55 -2.21 1.85
CA ALA B 147 6.18 -1.27 2.93
C ALA B 147 4.69 -0.99 2.93
N LEU B 148 3.98 -1.22 1.82
CA LEU B 148 2.53 -0.96 1.80
C LEU B 148 1.71 -2.18 2.18
N ILE B 149 2.28 -3.37 2.34
CA ILE B 149 1.47 -4.54 2.72
C ILE B 149 0.67 -4.16 3.98
N PRO B 150 -0.62 -4.40 4.01
CA PRO B 150 -1.45 -4.08 5.12
C PRO B 150 -1.22 -4.97 6.33
N PRO B 151 -1.46 -4.43 7.52
CA PRO B 151 -1.30 -5.19 8.77
C PRO B 151 -1.94 -6.56 8.60
N THR B 152 -1.20 -7.60 8.93
CA THR B 152 -1.65 -8.98 8.81
C THR B 152 -2.73 -9.25 9.85
N LEU B 153 -3.95 -9.40 9.41
CA LEU B 153 -5.09 -9.65 10.29
C LEU B 153 -4.95 -10.99 10.99
N PRO B 154 -5.53 -11.12 12.17
CA PRO B 154 -5.51 -12.36 12.92
C PRO B 154 -6.18 -13.49 12.13
N GLY B 155 -5.64 -14.70 12.24
CA GLY B 155 -6.26 -15.83 11.54
C GLY B 155 -6.11 -15.76 10.04
N THR B 156 -4.92 -15.39 9.61
CA THR B 156 -4.56 -15.30 8.23
C THR B 156 -3.85 -16.61 7.90
N ASN B 157 -4.64 -17.50 7.32
CA ASN B 157 -4.21 -18.81 6.91
C ASN B 157 -3.91 -18.81 5.42
N ILE B 158 -2.68 -19.11 5.07
CA ILE B 158 -2.33 -19.12 3.67
C ILE B 158 -1.95 -20.52 3.22
N VAL B 159 -2.56 -20.96 2.11
CA VAL B 159 -2.22 -22.28 1.58
C VAL B 159 -1.36 -22.16 0.35
N LEU B 160 -0.12 -22.68 0.42
CA LEU B 160 0.75 -22.58 -0.80
C LEU B 160 0.83 -23.94 -1.46
N GLY B 161 1.31 -24.09 -2.67
CA GLY B 161 1.36 -25.38 -3.34
C GLY B 161 2.69 -25.96 -3.72
N ALA B 162 2.83 -27.28 -3.62
CA ALA B 162 4.00 -28.05 -3.96
C ALA B 162 3.71 -28.85 -5.25
N LEU B 163 4.56 -28.72 -6.24
CA LEU B 163 4.31 -29.46 -7.46
C LEU B 163 5.62 -29.56 -8.24
N PRO B 164 6.16 -30.76 -8.36
CA PRO B 164 7.40 -31.00 -9.10
C PRO B 164 7.44 -30.18 -10.38
N GLU B 165 8.54 -29.50 -10.65
CA GLU B 165 8.65 -28.62 -11.81
C GLU B 165 8.24 -29.28 -13.10
N ASP B 166 8.65 -30.50 -13.38
CA ASP B 166 8.24 -31.16 -14.62
C ASP B 166 6.73 -31.29 -14.74
N ARG B 167 6.08 -31.79 -13.67
CA ARG B 167 4.61 -31.86 -13.74
C ARG B 167 4.06 -30.46 -13.98
N HIS B 168 4.51 -29.47 -13.21
CA HIS B 168 4.08 -28.10 -13.34
C HIS B 168 4.20 -27.60 -14.78
N ILE B 169 5.39 -27.73 -15.37
CA ILE B 169 5.64 -27.32 -16.74
C ILE B 169 4.67 -27.97 -17.73
N ASP B 170 4.45 -29.25 -17.51
CA ASP B 170 3.56 -30.06 -18.31
C ASP B 170 2.15 -29.49 -18.22
N ARG B 171 1.66 -29.27 -17.00
CA ARG B 171 0.31 -28.71 -16.85
C ARG B 171 0.23 -27.40 -17.61
N LEU B 172 1.14 -26.51 -17.26
CA LEU B 172 1.24 -25.15 -17.80
C LEU B 172 1.43 -25.11 -19.29
N ALA B 173 2.02 -26.12 -19.93
CA ALA B 173 2.16 -26.07 -21.39
C ALA B 173 0.83 -26.41 -22.06
N LYS B 174 -0.22 -25.68 -21.77
CA LYS B 174 -1.59 -25.75 -22.19
C LYS B 174 -2.51 -26.09 -21.00
N ARG B 181 2.69 -17.90 -24.91
CA ARG B 181 4.11 -17.56 -24.76
C ARG B 181 4.87 -18.59 -23.95
N LEU B 182 4.48 -18.83 -22.71
CA LEU B 182 5.06 -19.73 -21.75
C LEU B 182 6.49 -19.35 -21.36
N ASP B 183 6.55 -18.41 -20.42
CA ASP B 183 7.85 -17.98 -19.94
C ASP B 183 8.32 -18.97 -18.89
N LEU B 184 9.25 -19.84 -19.22
CA LEU B 184 9.82 -20.83 -18.31
C LEU B 184 10.73 -20.17 -17.28
N ALA B 185 11.21 -18.96 -17.62
CA ALA B 185 12.06 -18.25 -16.65
C ALA B 185 11.14 -17.65 -15.60
N MET B 186 9.94 -17.22 -15.99
CA MET B 186 9.01 -16.61 -15.03
C MET B 186 8.44 -17.73 -14.17
N LEU B 187 8.28 -18.91 -14.76
CA LEU B 187 7.78 -20.01 -13.94
C LEU B 187 8.81 -20.33 -12.86
N ALA B 188 10.09 -20.36 -13.18
CA ALA B 188 11.13 -20.63 -12.19
C ALA B 188 11.24 -19.50 -11.18
N ALA B 189 11.10 -18.26 -11.63
CA ALA B 189 11.15 -17.14 -10.67
C ALA B 189 10.00 -17.22 -9.70
N ILE B 190 8.76 -17.42 -10.21
CA ILE B 190 7.62 -17.46 -9.29
C ILE B 190 7.69 -18.66 -8.38
N ARG B 191 8.13 -19.82 -8.84
CA ARG B 191 8.29 -21.00 -8.00
C ARG B 191 9.36 -20.74 -6.95
N ARG B 192 10.46 -20.12 -7.33
CA ARG B 192 11.51 -19.78 -6.38
C ARG B 192 10.98 -18.82 -5.32
N VAL B 193 10.27 -17.78 -5.75
CA VAL B 193 9.74 -16.80 -4.81
C VAL B 193 8.83 -17.41 -3.76
N TYR B 194 7.89 -18.25 -4.20
CA TYR B 194 6.98 -18.89 -3.26
C TYR B 194 7.68 -19.86 -2.35
N GLY B 195 8.81 -20.47 -2.76
CA GLY B 195 9.48 -21.37 -1.81
C GLY B 195 10.16 -20.53 -0.71
N LEU B 196 10.79 -19.42 -1.14
CA LEU B 196 11.47 -18.54 -0.18
C LEU B 196 10.48 -18.02 0.83
N LEU B 197 9.27 -17.64 0.39
CA LEU B 197 8.20 -17.17 1.20
C LEU B 197 7.83 -18.19 2.29
N ALA B 198 7.78 -19.47 1.94
CA ALA B 198 7.38 -20.44 3.02
C ALA B 198 8.49 -20.59 4.03
N ASN B 199 9.75 -20.55 3.54
CA ASN B 199 10.92 -20.65 4.41
C ASN B 199 11.04 -19.46 5.35
N THR B 200 10.66 -18.30 4.82
CA THR B 200 10.65 -17.05 5.55
C THR B 200 9.73 -17.15 6.73
N VAL B 201 8.47 -17.55 6.53
CA VAL B 201 7.51 -17.71 7.63
C VAL B 201 8.06 -18.70 8.67
N ARG B 202 8.53 -19.86 8.22
CA ARG B 202 9.14 -20.83 9.15
C ARG B 202 10.31 -20.18 9.90
N TYR B 203 11.24 -19.55 9.18
CA TYR B 203 12.36 -18.84 9.76
C TYR B 203 11.86 -17.83 10.78
N LEU B 204 10.91 -16.96 10.43
CA LEU B 204 10.42 -16.00 11.40
C LEU B 204 9.76 -16.68 12.58
N GLN B 205 9.04 -17.79 12.36
CA GLN B 205 8.36 -18.42 13.51
C GLN B 205 9.32 -19.17 14.42
N CYS B 206 10.45 -19.61 13.90
CA CYS B 206 11.47 -20.30 14.68
C CYS B 206 12.35 -19.31 15.43
N GLY B 207 11.97 -18.03 15.49
CA GLY B 207 12.70 -17.03 16.19
C GLY B 207 13.77 -16.29 15.38
N GLY B 208 13.96 -16.63 14.12
CA GLY B 208 14.96 -15.98 13.30
C GLY B 208 14.74 -14.46 13.30
N SER B 209 15.87 -13.78 13.27
CA SER B 209 16.04 -12.34 13.25
C SER B 209 17.00 -12.03 12.11
N TRP B 210 16.46 -11.47 11.04
CA TRP B 210 17.22 -11.16 9.83
C TRP B 210 18.38 -10.22 10.09
N ARG B 211 18.21 -9.22 10.94
CA ARG B 211 19.25 -8.27 11.29
C ARG B 211 20.42 -8.99 11.97
N GLU B 212 20.15 -10.00 12.78
CA GLU B 212 21.19 -10.78 13.45
C GLU B 212 21.89 -11.69 12.45
N ASP B 213 21.16 -12.20 11.46
CA ASP B 213 21.74 -13.09 10.46
C ASP B 213 22.16 -12.45 9.17
N TRP B 214 21.93 -11.15 8.99
CA TRP B 214 22.28 -10.54 7.71
C TRP B 214 23.62 -10.92 7.17
N GLY B 215 24.67 -10.86 8.01
CA GLY B 215 26.00 -11.22 7.59
C GLY B 215 26.22 -12.62 7.07
N GLN B 216 25.31 -13.56 7.33
CA GLN B 216 25.46 -14.91 6.85
C GLN B 216 25.15 -15.04 5.37
N LEU B 217 24.73 -13.98 4.72
CA LEU B 217 24.43 -13.94 3.31
C LEU B 217 25.68 -13.65 2.47
N SER B 218 25.82 -14.34 1.35
CA SER B 218 26.91 -14.14 0.43
C SER B 218 27.05 -15.34 -0.50
N GLY B 219 27.64 -15.11 -1.68
CA GLY B 219 27.84 -16.17 -2.67
C GLY B 219 26.83 -16.06 -3.80
N PRO B 229 9.84 -26.72 0.14
CA PRO B 229 9.92 -25.95 1.36
C PRO B 229 8.80 -26.28 2.33
N GLN B 230 9.07 -26.13 3.63
CA GLN B 230 8.08 -26.39 4.67
C GLN B 230 7.75 -25.07 5.37
N SER B 231 6.47 -24.82 5.67
CA SER B 231 6.10 -23.57 6.31
C SER B 231 5.68 -23.68 7.76
N ASN B 232 5.19 -24.84 8.19
CA ASN B 232 4.78 -24.99 9.60
C ASN B 232 5.33 -26.24 10.24
N ALA B 233 6.52 -26.65 9.80
CA ALA B 233 7.18 -27.83 10.35
C ALA B 233 8.64 -27.83 9.91
N GLY B 234 9.49 -28.61 10.57
CA GLY B 234 10.91 -28.65 10.19
C GLY B 234 11.75 -27.74 11.04
N PRO B 235 13.05 -27.75 10.78
CA PRO B 235 13.99 -26.91 11.53
C PRO B 235 14.03 -25.51 10.88
N ARG B 236 14.69 -24.58 11.55
CA ARG B 236 14.83 -23.23 11.07
C ARG B 236 15.77 -23.17 9.87
N PRO B 237 15.21 -22.67 8.77
CA PRO B 237 15.95 -22.46 7.54
C PRO B 237 17.03 -21.39 7.72
N HIS B 238 18.02 -21.51 6.85
CA HIS B 238 19.13 -20.57 6.79
C HIS B 238 18.58 -19.29 6.13
N ILE B 239 18.97 -18.13 6.60
CA ILE B 239 18.54 -16.87 5.98
C ILE B 239 18.70 -16.85 4.49
N GLY B 240 19.71 -17.45 3.89
CA GLY B 240 19.94 -17.55 2.46
C GLY B 240 18.85 -18.30 1.70
N ASP B 241 17.98 -19.01 2.41
CA ASP B 241 16.87 -19.72 1.81
C ASP B 241 15.54 -19.02 2.09
N THR B 242 15.57 -17.77 2.58
CA THR B 242 14.37 -16.98 2.83
C THR B 242 14.35 -15.83 1.81
N LEU B 243 13.31 -15.01 1.86
CA LEU B 243 13.17 -13.85 0.98
C LEU B 243 14.21 -12.77 1.21
N PHE B 244 14.77 -12.65 2.41
CA PHE B 244 15.79 -11.67 2.70
C PHE B 244 16.97 -11.67 1.75
N THR B 245 17.33 -12.81 1.17
CA THR B 245 18.41 -12.90 0.22
C THR B 245 18.21 -12.11 -1.09
N LEU B 246 16.96 -11.90 -1.48
CA LEU B 246 16.71 -11.18 -2.74
C LEU B 246 17.20 -9.74 -2.69
N PHE B 247 17.25 -9.19 -1.48
CA PHE B 247 17.62 -7.84 -1.19
C PHE B 247 19.05 -7.57 -0.83
N ARG B 248 19.99 -8.36 -1.32
CA ARG B 248 21.40 -8.11 -1.02
C ARG B 248 22.07 -7.36 -2.16
N ALA B 249 21.28 -6.86 -3.07
CA ALA B 249 21.56 -6.08 -4.24
C ALA B 249 22.35 -4.81 -3.99
N PRO B 250 23.31 -4.51 -4.87
CA PRO B 250 24.16 -3.35 -4.80
C PRO B 250 23.42 -2.04 -4.73
N GLU B 251 22.26 -1.94 -5.37
CA GLU B 251 21.39 -0.80 -5.35
C GLU B 251 20.96 -0.42 -3.92
N LEU B 252 20.77 -1.44 -3.06
CA LEU B 252 20.32 -1.14 -1.71
C LEU B 252 21.44 -0.94 -0.71
N LEU B 253 22.66 -1.17 -1.16
CA LEU B 253 23.84 -1.05 -0.31
C LEU B 253 24.46 0.33 -0.26
N ALA B 254 24.69 0.80 0.98
CA ALA B 254 25.36 2.09 1.20
C ALA B 254 26.85 1.87 0.91
N PRO B 255 27.65 2.90 0.81
CA PRO B 255 29.06 2.81 0.48
C PRO B 255 29.97 2.34 1.58
N ASN B 256 29.45 1.53 2.47
CA ASN B 256 30.11 0.94 3.60
C ASN B 256 29.66 -0.54 3.68
N GLY B 257 28.98 -0.99 2.62
CA GLY B 257 28.47 -2.33 2.56
C GLY B 257 27.13 -2.60 3.21
N ASP B 258 26.64 -1.86 4.22
CA ASP B 258 25.36 -2.19 4.81
C ASP B 258 24.18 -1.65 3.99
N LEU B 259 23.01 -2.13 4.37
CA LEU B 259 21.77 -1.74 3.74
C LEU B 259 21.43 -0.29 4.15
N TYR B 260 20.92 0.48 3.21
CA TYR B 260 20.49 1.84 3.64
C TYR B 260 19.36 1.53 4.62
N ASN B 261 19.19 2.36 5.62
CA ASN B 261 18.15 2.11 6.63
C ASN B 261 16.75 2.10 6.05
N VAL B 262 16.48 2.83 4.96
CA VAL B 262 15.12 2.81 4.44
C VAL B 262 14.77 1.34 4.04
N PHE B 263 15.75 0.69 3.42
CA PHE B 263 15.59 -0.67 2.96
C PHE B 263 15.53 -1.67 4.09
N ALA B 264 16.32 -1.39 5.16
CA ALA B 264 16.31 -2.27 6.32
C ALA B 264 14.98 -2.19 7.02
N TRP B 265 14.37 -1.01 7.02
CA TRP B 265 13.06 -0.83 7.65
C TRP B 265 11.97 -1.54 6.83
N ALA B 266 12.12 -1.55 5.51
CA ALA B 266 11.19 -2.28 4.66
C ALA B 266 11.29 -3.79 5.02
N LEU B 267 12.48 -4.31 5.23
CA LEU B 267 12.67 -5.71 5.65
C LEU B 267 12.05 -5.98 7.01
N ASP B 268 12.00 -4.98 7.92
CA ASP B 268 11.37 -5.19 9.20
C ASP B 268 9.86 -5.39 9.06
N VAL B 269 9.29 -4.63 8.14
CA VAL B 269 7.82 -4.71 7.89
C VAL B 269 7.55 -6.08 7.31
N LEU B 270 8.37 -6.51 6.36
CA LEU B 270 8.26 -7.83 5.78
C LEU B 270 8.25 -8.94 6.85
N ALA B 271 9.12 -8.83 7.87
CA ALA B 271 9.19 -9.84 8.91
C ALA B 271 7.93 -9.83 9.76
N LYS B 272 7.59 -8.60 10.12
CA LYS B 272 6.43 -8.30 10.95
C LYS B 272 5.18 -8.82 10.24
N ARG B 273 4.93 -8.49 8.99
CA ARG B 273 3.77 -8.99 8.25
C ARG B 273 3.75 -10.49 8.04
N LEU B 274 4.89 -11.17 7.84
CA LEU B 274 4.81 -12.63 7.65
C LEU B 274 4.88 -13.44 8.93
N ARG B 275 5.31 -12.92 10.08
CA ARG B 275 5.46 -13.79 11.24
C ARG B 275 4.19 -14.22 11.91
N SER B 276 3.07 -13.53 11.75
CA SER B 276 1.80 -13.87 12.40
C SER B 276 0.87 -14.66 11.49
N MET B 277 1.31 -14.98 10.27
CA MET B 277 0.59 -15.73 9.28
C MET B 277 0.71 -17.25 9.51
N HIS B 278 -0.33 -17.96 9.14
CA HIS B 278 -0.36 -19.42 9.31
C HIS B 278 -0.38 -20.08 7.95
N VAL B 279 0.82 -20.48 7.51
CA VAL B 279 0.96 -21.09 6.21
C VAL B 279 0.94 -22.60 6.24
N PHE B 280 0.31 -23.19 5.21
CA PHE B 280 0.16 -24.61 5.04
C PHE B 280 0.54 -24.94 3.61
N ILE B 281 0.89 -26.21 3.43
CA ILE B 281 1.31 -26.63 2.11
C ILE B 281 0.38 -27.70 1.56
N LEU B 282 -0.16 -27.46 0.38
CA LEU B 282 -1.03 -28.38 -0.33
C LEU B 282 -0.30 -29.02 -1.52
N ASP B 283 -0.30 -30.34 -1.54
CA ASP B 283 0.33 -31.11 -2.63
C ASP B 283 -0.68 -31.18 -3.77
N TYR B 284 -0.40 -30.49 -4.85
CA TYR B 284 -1.19 -30.45 -6.04
C TYR B 284 -0.83 -31.58 -7.01
N ASP B 285 0.16 -32.42 -6.70
CA ASP B 285 0.54 -33.53 -7.64
C ASP B 285 -0.45 -34.67 -7.41
N GLN B 286 -1.70 -34.50 -7.84
CA GLN B 286 -2.77 -35.45 -7.67
C GLN B 286 -4.02 -34.99 -8.42
N SER B 287 -5.03 -35.87 -8.44
CA SER B 287 -6.29 -35.56 -9.09
C SER B 287 -7.01 -34.40 -8.41
N PRO B 288 -7.89 -33.76 -9.17
CA PRO B 288 -8.68 -32.65 -8.67
C PRO B 288 -9.39 -33.01 -7.40
N ALA B 289 -10.04 -34.17 -7.30
CA ALA B 289 -10.70 -34.49 -6.01
C ALA B 289 -9.65 -34.84 -4.95
N GLY B 290 -8.47 -35.27 -5.39
CA GLY B 290 -7.38 -35.59 -4.42
C GLY B 290 -7.00 -34.24 -3.78
N CYS B 291 -6.81 -33.24 -4.65
CA CYS B 291 -6.47 -31.90 -4.13
C CYS B 291 -7.50 -31.40 -3.15
N ARG B 292 -8.76 -31.42 -3.48
CA ARG B 292 -9.85 -31.02 -2.66
C ARG B 292 -9.90 -31.66 -1.29
N ASP B 293 -9.73 -32.98 -1.24
CA ASP B 293 -9.82 -33.63 0.10
C ASP B 293 -8.56 -33.22 0.88
N ALA B 294 -7.41 -33.33 0.15
CA ALA B 294 -6.17 -32.90 0.82
C ALA B 294 -6.44 -31.58 1.56
N LEU B 295 -6.93 -30.61 0.81
CA LEU B 295 -7.20 -29.27 1.29
C LEU B 295 -8.22 -29.30 2.40
N LEU B 296 -9.24 -30.11 2.17
CA LEU B 296 -10.25 -30.27 3.22
C LEU B 296 -9.60 -30.77 4.49
N GLN B 297 -8.63 -31.66 4.47
CA GLN B 297 -8.00 -32.13 5.72
C GLN B 297 -7.19 -30.99 6.35
N LEU B 298 -6.44 -30.22 5.58
CA LEU B 298 -5.65 -29.10 6.05
C LEU B 298 -6.47 -27.99 6.73
N THR B 299 -7.71 -27.76 6.27
CA THR B 299 -8.51 -26.73 6.91
C THR B 299 -8.67 -27.05 8.40
N SER B 300 -8.59 -28.32 8.77
CA SER B 300 -8.72 -28.77 10.14
C SER B 300 -7.86 -28.04 11.16
N GLY B 301 -6.58 -27.84 10.85
CA GLY B 301 -5.68 -27.17 11.77
C GLY B 301 -5.56 -25.67 11.52
N MET B 302 -6.57 -25.06 10.91
CA MET B 302 -6.55 -23.64 10.61
C MET B 302 -7.15 -22.76 11.68
N VAL B 303 -6.60 -21.58 11.85
CA VAL B 303 -7.02 -20.61 12.84
C VAL B 303 -8.21 -19.78 12.40
N GLN B 304 -9.20 -19.76 13.26
CA GLN B 304 -10.45 -19.05 13.09
C GLN B 304 -10.47 -17.82 13.99
N THR B 305 -11.28 -16.83 13.66
CA THR B 305 -11.34 -15.66 14.52
C THR B 305 -12.81 -15.35 14.82
N HIS B 306 -13.00 -14.58 15.88
CA HIS B 306 -14.36 -14.12 16.18
C HIS B 306 -14.58 -12.89 15.29
N VAL B 307 -15.80 -12.56 14.95
CA VAL B 307 -16.02 -11.33 14.17
C VAL B 307 -16.34 -10.22 15.17
N THR B 308 -16.35 -8.96 14.76
CA THR B 308 -16.56 -7.87 15.70
C THR B 308 -18.00 -7.55 15.98
N THR B 309 -18.93 -7.79 15.08
CA THR B 309 -20.34 -7.46 15.33
C THR B 309 -21.22 -8.66 15.00
N PRO B 310 -22.47 -8.61 15.43
CA PRO B 310 -23.41 -9.71 15.16
C PRO B 310 -23.68 -9.74 13.65
N GLY B 311 -23.76 -8.55 13.05
CA GLY B 311 -23.98 -8.38 11.63
C GLY B 311 -22.78 -8.53 10.74
N SER B 312 -21.57 -8.77 11.24
CA SER B 312 -20.42 -8.96 10.40
C SER B 312 -20.57 -10.14 9.44
N ILE B 313 -21.10 -11.27 9.88
CA ILE B 313 -21.21 -12.43 9.00
C ILE B 313 -21.93 -12.12 7.70
N PRO B 314 -23.20 -11.70 7.76
CA PRO B 314 -23.97 -11.38 6.57
C PRO B 314 -23.28 -10.35 5.71
N THR B 315 -22.74 -9.29 6.29
CA THR B 315 -22.05 -8.24 5.57
C THR B 315 -20.88 -8.79 4.75
N ILE B 316 -20.12 -9.70 5.34
CA ILE B 316 -18.98 -10.33 4.69
C ILE B 316 -19.46 -11.21 3.55
N CYS B 317 -20.58 -11.93 3.74
CA CYS B 317 -21.10 -12.75 2.67
C CYS B 317 -21.43 -11.83 1.48
N ASP B 318 -22.15 -10.75 1.73
CA ASP B 318 -22.49 -9.80 0.67
C ASP B 318 -21.25 -9.27 -0.04
N LEU B 319 -20.23 -8.93 0.73
CA LEU B 319 -18.96 -8.43 0.23
C LEU B 319 -18.34 -9.40 -0.76
N ALA B 320 -18.23 -10.67 -0.39
CA ALA B 320 -17.68 -11.70 -1.26
C ALA B 320 -18.54 -11.92 -2.48
N ARG B 321 -19.87 -12.03 -2.33
CA ARG B 321 -20.75 -12.26 -3.46
C ARG B 321 -20.59 -11.15 -4.50
N THR B 322 -20.71 -9.93 -4.03
CA THR B 322 -20.57 -8.72 -4.82
C THR B 322 -19.19 -8.69 -5.52
N PHE B 323 -18.14 -9.07 -4.83
CA PHE B 323 -16.81 -9.16 -5.40
C PHE B 323 -16.74 -10.16 -6.53
N ALA B 324 -17.28 -11.35 -6.28
CA ALA B 324 -17.25 -12.41 -7.33
C ALA B 324 -18.10 -12.00 -8.53
N ARG B 325 -19.24 -11.39 -8.31
CA ARG B 325 -20.14 -10.95 -9.36
C ARG B 325 -19.54 -9.85 -10.23
N GLU B 326 -18.94 -8.86 -9.58
CA GLU B 326 -18.39 -7.74 -10.29
C GLU B 326 -17.05 -7.99 -10.94
N MET B 327 -16.16 -8.70 -10.26
CA MET B 327 -14.83 -8.92 -10.78
C MET B 327 -14.42 -10.35 -11.09
N GLY B 328 -14.95 -11.37 -10.42
CA GLY B 328 -14.43 -12.73 -10.87
C GLY B 328 -15.26 -12.87 -12.15
N GLU B 329 -14.76 -12.78 -13.36
CA GLU B 329 -15.67 -12.87 -14.52
C GLU B 329 -16.92 -12.02 -14.22
S SO4 C . 8.07 23.58 0.36
O1 SO4 C . 8.60 22.70 1.46
O2 SO4 C . 6.76 24.16 0.78
O3 SO4 C . 9.06 24.69 0.11
O4 SO4 C . 7.89 22.82 -0.92
O16 TMC D . 7.44 18.89 -2.15
O18 TMC D . 6.88 20.63 -4.96
O9 TMC D . 5.44 15.31 -7.40
O7 TMC D . 4.02 12.81 -3.82
N8 TMC D . 6.06 16.02 -5.30
N5 TMC D . 4.78 14.05 -5.63
C1 TMC D . 8.20 18.63 -4.39
C10 TMC D . 6.83 19.22 -4.70
C14 TMC D . 6.25 18.42 -5.88
C17 TMC D . 6.98 17.05 -5.88
C13 TMC D . 8.27 17.25 -5.03
C15 TMC D . 9.14 18.40 -5.51
C12 TMC D . 8.66 18.78 -2.96
C11 TMC D . 5.44 15.17 -6.18
C6 TMC D . 4.64 13.77 -4.28
C4 TMC D . 5.31 14.73 -3.40
C2 TMC D . 5.99 15.79 -3.92
C3 TMC D . 5.23 14.46 -1.91
S SO4 E . -4.23 -22.41 -11.18
O1 SO4 E . -5.50 -21.81 -10.72
O2 SO4 E . -3.32 -22.80 -10.00
O3 SO4 E . -4.41 -23.57 -12.05
O4 SO4 E . -3.43 -21.35 -11.92
O16 TMC F . -2.85 -15.57 -11.73
O18 TMC F . -0.45 -16.45 -13.80
O9 TMC F . 1.45 -10.74 -13.28
O7 TMC F . 0.18 -9.87 -8.95
N8 TMC F . -0.13 -12.09 -12.31
N5 TMC F . 0.77 -10.30 -11.14
C1 TMC F . -2.04 -14.57 -13.70
C10 TMC F . -0.71 -15.16 -13.21
C14 TMC F . 0.36 -14.14 -13.59
C17 TMC F . -0.38 -12.78 -13.61
C13 TMC F . -1.87 -13.07 -13.82
C15 TMC F . -2.11 -13.94 -15.04
C12 TMC F . -3.27 -15.11 -13.05
C11 TMC F . 0.75 -11.03 -12.31
C6 TMC F . 0.06 -10.56 -9.96
C4 TMC F . -0.85 -11.71 -10.06
C2 TMC F . -0.90 -12.41 -11.20
C3 TMC F . -1.70 -12.08 -8.87
#